data_4LX6
#
_entry.id   4LX6
#
_cell.length_a   50.100
_cell.length_b   151.690
_cell.length_c   24.770
_cell.angle_alpha   90.00
_cell.angle_beta   90.00
_cell.angle_gamma   90.00
#
_symmetry.space_group_name_H-M   'P 21 21 2'
#
loop_
_entity.id
_entity.type
_entity.pdbx_description
1 polymer 'Mutated adenine riboswitch aptamer'
2 non-polymer 2-aminopyrimido[4,5-d]pyrimidin-4(3H)-one
3 non-polymer 'MAGNESIUM ION'
4 water water
#
_entity_poly.entity_id   1
_entity_poly.type   'polyribonucleotide'
_entity_poly.pdbx_seq_one_letter_code
;GGCUUCAUAUAAUCCGAAUGAUAUGGUUUCGGAGCUUCCACCAAGAGCCUUAAACUCUUGACUAUGAAGUC
;
_entity_poly.pdbx_strand_id   A
#
loop_
_chem_comp.id
_chem_comp.type
_chem_comp.name
_chem_comp.formula
29H non-polymer 2-aminopyrimido[4,5-d]pyrimidin-4(3H)-one 'C6 H5 N5 O'
A RNA linking ADENOSINE-5'-MONOPHOSPHATE 'C10 H14 N5 O7 P'
C RNA linking CYTIDINE-5'-MONOPHOSPHATE 'C9 H14 N3 O8 P'
G RNA linking GUANOSINE-5'-MONOPHOSPHATE 'C10 H14 N5 O8 P'
MG non-polymer 'MAGNESIUM ION' 'Mg 2'
U RNA linking URIDINE-5'-MONOPHOSPHATE 'C9 H13 N2 O9 P'
#
# COMPACT_ATOMS: atom_id res chain seq x y z
NAH 29H B . -0.19 3.03 -0.54
CAJ 29H B . -1.26 2.26 -1.00
OAB 29H B . -2.39 2.49 -0.56
C5 29H B . -1.01 1.26 -1.95
C6 29H B . -2.05 0.49 -2.44
N1 29H B . -1.76 -0.51 -3.39
C2 29H B . -0.45 -0.71 -3.84
N3 29H B . 0.58 0.10 -3.32
C4 29H B . 0.30 1.05 -2.42
NAG 29H B . 1.30 1.80 -1.94
CAI 29H B . 1.10 2.77 -1.05
NAA 29H B . 2.15 3.48 -0.62
MG MG C . -7.80 1.21 7.72
MG MG D . 7.43 -7.05 4.87
MG MG E . -10.94 -2.07 -2.80
MG MG F . 6.66 -8.68 -3.44
MG MG G . 8.35 -0.92 16.72
#